data_5IVN
#
_entry.id   5IVN
#
_cell.length_a   106.010
_cell.length_b   31.530
_cell.length_c   35.880
_cell.angle_alpha   90.00
_cell.angle_beta   107.54
_cell.angle_gamma   90.00
#
_symmetry.space_group_name_H-M   'C 1 2 1'
#
loop_
_entity.id
_entity.type
_entity.pdbx_description
1 polymer BC2-nanobody
2 polymer 'Cadherin derived peptide'
3 water water
#
loop_
_entity_poly.entity_id
_entity_poly.type
_entity_poly.pdbx_seq_one_letter_code
_entity_poly.pdbx_strand_id
1 'polypeptide(L)'
;QVQLVESGGGLVQPGGSLTLSCTASGFTLDHYDIGWFRQAPGKEREGVSCINNSDDDTYYADSVKGRFTIFMNNAKDTVY
LQMNSLKPEDTAIYYCAEARGCKRGRYEYDFWGQGTQVTVSSKKKHHHHHH
;
A
2 'polypeptide(L)' (N7P)DRKAAVSHWQ(6E4) B
#
# COMPACT_ATOMS: atom_id res chain seq x y z
C GLN A 1 -3.15 14.01 -10.79
N VAL A 2 -2.81 12.72 -11.05
CA VAL A 2 -3.71 11.61 -10.71
C VAL A 2 -4.09 11.65 -9.24
N GLN A 3 -5.38 11.50 -8.96
CA GLN A 3 -5.93 11.58 -7.62
C GLN A 3 -6.44 10.23 -7.23
N LEU A 4 -5.63 9.51 -6.46
CA LEU A 4 -5.86 8.13 -6.10
C LEU A 4 -6.49 8.03 -4.73
N VAL A 5 -7.41 7.05 -4.57
N VAL A 5 -7.36 7.04 -4.54
CA VAL A 5 -8.16 6.78 -3.30
CA VAL A 5 -7.88 6.77 -3.22
C VAL A 5 -8.12 5.29 -2.98
C VAL A 5 -7.99 5.29 -2.96
N GLU A 6 -8.17 4.97 -1.68
CA GLU A 6 -8.04 3.61 -1.18
C GLU A 6 -9.36 2.98 -0.81
N SER A 7 -9.41 1.67 -0.90
CA SER A 7 -10.53 0.89 -0.41
C SER A 7 -10.04 -0.48 -0.03
N GLY A 8 -10.81 -1.17 0.84
CA GLY A 8 -10.63 -2.59 1.10
C GLY A 8 -10.24 -2.96 2.52
N GLY A 9 -10.16 -1.98 3.41
CA GLY A 9 -9.82 -2.24 4.80
C GLY A 9 -10.88 -2.99 5.54
N GLY A 10 -10.59 -3.25 6.81
CA GLY A 10 -11.49 -4.00 7.67
C GLY A 10 -10.74 -4.49 8.89
N LEU A 11 -11.42 -5.24 9.72
N LEU A 11 -11.49 -5.35 9.62
CA LEU A 11 -10.78 -5.88 10.87
CA LEU A 11 -11.06 -6.07 10.79
C LEU A 11 -10.79 -7.37 10.63
C LEU A 11 -10.73 -7.50 10.37
N VAL A 12 -9.62 -7.99 10.64
N VAL A 12 -9.55 -7.97 10.73
CA VAL A 12 -9.49 -9.40 10.36
CA VAL A 12 -9.06 -9.26 10.23
C VAL A 12 -8.73 -10.03 11.45
C VAL A 12 -8.45 -10.07 11.42
N GLN A 13 -8.91 -11.32 11.57
CA GLN A 13 -8.11 -12.06 12.56
CA GLN A 13 -8.32 -12.26 12.45
C GLN A 13 -6.78 -12.44 12.03
N PRO A 14 -5.81 -12.48 12.95
CA PRO A 14 -4.46 -12.81 12.57
C PRO A 14 -4.44 -14.10 11.80
N GLY A 15 -3.67 -14.11 10.70
CA GLY A 15 -3.63 -15.21 9.78
C GLY A 15 -4.53 -15.04 8.56
N GLY A 16 -5.40 -14.04 8.61
CA GLY A 16 -6.27 -13.74 7.49
C GLY A 16 -5.60 -12.88 6.44
N SER A 17 -6.43 -12.37 5.52
CA SER A 17 -5.92 -11.66 4.36
C SER A 17 -6.93 -10.64 3.90
N LEU A 18 -6.45 -9.66 3.13
CA LEU A 18 -7.29 -8.65 2.52
C LEU A 18 -6.73 -8.31 1.14
N THR A 19 -7.57 -7.78 0.27
CA THR A 19 -7.14 -7.20 -0.99
C THR A 19 -7.53 -5.74 -0.98
N LEU A 20 -6.53 -4.84 -1.02
CA LEU A 20 -6.82 -3.40 -1.09
C LEU A 20 -6.83 -2.95 -2.55
N SER A 21 -7.55 -1.86 -2.79
CA SER A 21 -7.66 -1.28 -4.11
C SER A 21 -7.30 0.21 -4.05
N CYS A 22 -6.53 0.64 -5.06
CA CYS A 22 -6.13 2.01 -5.24
C CYS A 22 -6.62 2.43 -6.63
N THR A 23 -7.52 3.41 -6.70
CA THR A 23 -8.17 3.78 -7.93
C THR A 23 -8.18 5.31 -8.11
N ALA A 24 -8.40 5.71 -9.37
CA ALA A 24 -8.53 7.13 -9.73
C ALA A 24 -9.74 7.26 -10.65
N SER A 25 -10.91 7.03 -10.04
CA SER A 25 -12.21 7.32 -10.70
C SER A 25 -12.46 6.49 -11.92
N GLY A 26 -11.79 5.37 -12.06
CA GLY A 26 -11.98 4.53 -13.19
C GLY A 26 -11.04 4.77 -14.34
N PHE A 27 -10.25 5.87 -14.27
CA PHE A 27 -9.22 6.13 -15.24
C PHE A 27 -8.17 5.03 -15.21
N THR A 28 -7.51 4.77 -16.34
CA THR A 28 -6.46 3.80 -16.35
C THR A 28 -5.15 4.33 -15.76
N LEU A 29 -4.41 3.42 -15.15
CA LEU A 29 -3.25 3.75 -14.30
C LEU A 29 -1.94 3.24 -14.83
N ASP A 30 -1.94 2.63 -15.99
CA ASP A 30 -0.74 1.92 -16.48
C ASP A 30 0.43 2.84 -16.87
N HIS A 31 0.20 4.16 -16.94
CA HIS A 31 1.34 5.04 -17.13
C HIS A 31 2.12 5.28 -15.86
N TYR A 32 1.46 5.14 -14.68
CA TYR A 32 1.98 5.67 -13.41
C TYR A 32 2.73 4.66 -12.61
N ASP A 33 3.61 5.19 -11.78
CA ASP A 33 4.21 4.39 -10.72
C ASP A 33 3.48 4.69 -9.45
N ILE A 34 2.98 3.64 -8.76
CA ILE A 34 2.08 3.79 -7.63
C ILE A 34 2.59 3.02 -6.44
N GLY A 35 2.66 3.71 -5.30
CA GLY A 35 3.04 3.11 -4.04
C GLY A 35 1.86 2.90 -3.12
N TRP A 36 1.94 1.78 -2.38
CA TRP A 36 1.15 1.54 -1.21
C TRP A 36 1.99 1.77 0.03
N PHE A 37 1.44 2.51 0.97
CA PHE A 37 2.11 2.96 2.18
C PHE A 37 1.23 2.64 3.35
N ARG A 38 1.75 2.73 4.57
CA ARG A 38 0.91 2.59 5.74
C ARG A 38 1.47 3.41 6.88
N GLN A 39 0.60 3.80 7.78
CA GLN A 39 1.04 4.45 9.01
C GLN A 39 0.40 3.80 10.17
N ALA A 40 1.25 3.10 10.92
CA ALA A 40 0.86 2.34 12.05
C ALA A 40 1.02 3.25 13.29
N PRO A 41 0.30 2.93 14.32
CA PRO A 41 0.40 3.64 15.57
C PRO A 41 1.78 3.67 16.15
N GLY A 42 2.35 4.86 16.38
CA GLY A 42 3.72 4.97 16.94
C GLY A 42 4.87 4.85 15.95
N LYS A 43 4.55 4.68 14.65
CA LYS A 43 5.54 4.35 13.61
CA LYS A 43 5.60 4.45 13.65
C LYS A 43 5.55 5.50 12.57
N GLU A 44 6.65 5.60 11.82
CA GLU A 44 6.75 6.46 10.69
C GLU A 44 5.91 5.90 9.55
N ARG A 45 5.32 6.77 8.74
CA ARG A 45 4.66 6.30 7.52
C ARG A 45 5.69 5.63 6.61
N GLU A 46 5.33 4.44 6.11
N GLU A 46 5.37 4.43 6.14
CA GLU A 46 6.30 3.46 5.57
CA GLU A 46 6.34 3.67 5.36
C GLU A 46 5.75 2.92 4.21
C GLU A 46 5.71 3.13 4.10
N GLY A 47 6.54 3.06 3.13
CA GLY A 47 6.20 2.40 1.87
C GLY A 47 6.33 0.88 2.00
N VAL A 48 5.25 0.18 1.67
CA VAL A 48 5.27 -1.28 1.76
C VAL A 48 5.40 -1.95 0.41
N SER A 49 4.85 -1.37 -0.68
CA SER A 49 4.99 -1.97 -1.98
CA SER A 49 5.01 -1.96 -1.98
C SER A 49 4.85 -0.89 -3.04
N CYS A 50 5.55 -1.04 -4.16
CA CYS A 50 5.47 -0.07 -5.22
C CYS A 50 5.54 -0.77 -6.54
N ILE A 51 4.77 -0.25 -7.53
CA ILE A 51 4.77 -0.80 -8.87
C ILE A 51 5.15 0.26 -9.86
N ASN A 52 6.12 -0.07 -10.71
CA ASN A 52 6.50 0.75 -11.82
C ASN A 52 5.82 0.14 -13.05
N ASN A 53 4.74 0.77 -13.47
CA ASN A 53 3.91 0.16 -14.47
C ASN A 53 4.53 0.18 -15.87
N SER A 54 5.33 1.20 -16.19
CA SER A 54 5.98 1.27 -17.51
C SER A 54 7.09 0.28 -17.65
N ASP A 55 7.78 -0.03 -16.60
CA ASP A 55 8.94 -0.88 -16.67
C ASP A 55 8.69 -2.29 -16.16
N ASP A 56 7.52 -2.52 -15.56
CA ASP A 56 7.19 -3.78 -15.01
C ASP A 56 8.15 -4.22 -13.93
N ASP A 57 8.35 -3.34 -12.96
CA ASP A 57 9.12 -3.65 -11.76
C ASP A 57 8.17 -3.58 -10.56
N THR A 58 8.42 -4.36 -9.54
CA THR A 58 7.74 -4.28 -8.28
C THR A 58 8.76 -4.27 -7.13
N TYR A 59 8.40 -3.59 -6.07
CA TYR A 59 9.27 -3.39 -4.90
C TYR A 59 8.47 -3.71 -3.64
N TYR A 60 9.13 -4.31 -2.65
CA TYR A 60 8.49 -4.65 -1.39
C TYR A 60 9.39 -4.30 -0.21
N ALA A 61 8.80 -3.83 0.86
CA ALA A 61 9.53 -3.76 2.12
C ALA A 61 9.82 -5.16 2.61
N ASP A 62 10.95 -5.32 3.30
CA ASP A 62 11.29 -6.59 3.85
C ASP A 62 10.23 -7.16 4.78
N SER A 63 9.54 -6.29 5.48
CA SER A 63 8.53 -6.75 6.44
C SER A 63 7.31 -7.35 5.79
N VAL A 64 7.12 -7.16 4.49
CA VAL A 64 5.95 -7.68 3.78
C VAL A 64 6.27 -8.60 2.65
N LYS A 65 7.54 -8.73 2.27
CA LYS A 65 7.91 -9.54 1.08
CA LYS A 65 7.89 -9.48 1.07
C LYS A 65 7.39 -10.95 1.22
N GLY A 66 6.83 -11.52 0.16
N GLY A 66 6.94 -11.50 0.11
CA GLY A 66 6.35 -12.93 0.21
CA GLY A 66 6.32 -12.79 0.08
C GLY A 66 4.99 -13.12 0.91
C GLY A 66 4.83 -12.73 0.36
N ARG A 67 4.48 -12.06 1.48
CA ARG A 67 3.10 -12.02 1.94
C ARG A 67 2.25 -11.07 1.10
N PHE A 68 2.84 -9.94 0.70
CA PHE A 68 2.13 -8.91 -0.05
C PHE A 68 2.53 -8.97 -1.50
N THR A 69 1.57 -8.68 -2.40
CA THR A 69 1.85 -8.51 -3.81
CA THR A 69 1.87 -8.47 -3.80
C THR A 69 1.10 -7.30 -4.29
N ILE A 70 1.73 -6.52 -5.19
CA ILE A 70 1.13 -5.33 -5.78
C ILE A 70 0.99 -5.60 -7.27
N PHE A 71 -0.17 -5.31 -7.86
CA PHE A 71 -0.43 -5.68 -9.25
C PHE A 71 -1.62 -4.95 -9.78
N MET A 72 -1.71 -4.94 -11.12
CA MET A 72 -2.95 -4.57 -11.83
C MET A 72 -3.55 -5.83 -12.44
N ASN A 73 -4.81 -5.73 -12.80
CA ASN A 73 -5.44 -6.78 -13.64
C ASN A 73 -5.64 -6.20 -15.06
N ASN A 74 -6.31 -6.90 -15.92
CA ASN A 74 -6.40 -6.49 -17.31
C ASN A 74 -7.16 -5.19 -17.54
N ALA A 75 -7.97 -4.78 -16.58
CA ALA A 75 -8.68 -3.50 -16.67
C ALA A 75 -7.75 -2.31 -16.53
N LYS A 76 -6.65 -2.47 -15.80
CA LYS A 76 -5.63 -1.43 -15.66
C LYS A 76 -6.19 -0.17 -14.97
N ASP A 77 -7.25 -0.32 -14.17
CA ASP A 77 -7.92 0.80 -13.53
C ASP A 77 -7.71 0.81 -11.99
N THR A 78 -6.93 -0.16 -11.51
CA THR A 78 -6.80 -0.39 -10.07
C THR A 78 -5.41 -0.96 -9.80
N VAL A 79 -4.73 -0.39 -8.79
CA VAL A 79 -3.52 -1.02 -8.26
C VAL A 79 -3.94 -1.74 -6.97
N TYR A 80 -3.92 -3.07 -7.05
CA TYR A 80 -4.27 -3.91 -5.94
C TYR A 80 -3.09 -4.17 -5.04
N LEU A 81 -3.39 -4.34 -3.75
CA LEU A 81 -2.43 -4.86 -2.77
C LEU A 81 -3.03 -6.09 -2.14
N GLN A 82 -2.52 -7.26 -2.51
CA GLN A 82 -2.92 -8.50 -1.86
C GLN A 82 -2.08 -8.64 -0.60
N MET A 83 -2.74 -8.76 0.57
N MET A 83 -2.77 -8.80 0.55
CA MET A 83 -2.06 -8.87 1.83
CA MET A 83 -2.13 -8.84 1.86
C MET A 83 -2.40 -10.19 2.49
C MET A 83 -2.41 -10.19 2.50
N ASN A 84 -1.47 -11.13 2.43
CA ASN A 84 -1.64 -12.46 3.00
C ASN A 84 -0.96 -12.54 4.37
N SER A 85 -1.43 -13.54 5.16
CA SER A 85 -0.88 -13.84 6.46
C SER A 85 -0.72 -12.61 7.32
N LEU A 86 -1.82 -11.88 7.49
CA LEU A 86 -1.79 -10.65 8.26
C LEU A 86 -1.52 -10.92 9.73
N LYS A 87 -0.77 -10.00 10.34
CA LYS A 87 -0.25 -10.08 11.73
CA LYS A 87 -0.48 -10.12 11.75
C LYS A 87 -0.68 -8.80 12.43
N PRO A 88 -0.72 -8.81 13.78
CA PRO A 88 -1.06 -7.57 14.48
C PRO A 88 -0.20 -6.37 14.09
N GLU A 89 1.09 -6.60 13.79
N GLU A 89 1.04 -6.61 13.77
CA GLU A 89 2.01 -5.52 13.37
CA GLU A 89 1.97 -5.58 13.40
C GLU A 89 1.63 -4.87 12.05
C GLU A 89 1.63 -4.89 12.04
N ASP A 90 0.71 -5.51 11.27
CA ASP A 90 0.22 -4.94 10.04
C ASP A 90 -0.94 -3.98 10.25
N THR A 91 -1.42 -3.82 11.47
CA THR A 91 -2.49 -2.86 11.77
C THR A 91 -1.99 -1.46 11.46
N ALA A 92 -2.75 -0.72 10.67
CA ALA A 92 -2.33 0.63 10.21
C ALA A 92 -3.42 1.19 9.34
N ILE A 93 -3.34 2.50 9.06
CA ILE A 93 -4.05 3.08 7.94
C ILE A 93 -3.17 2.92 6.71
N TYR A 94 -3.74 2.35 5.63
CA TYR A 94 -3.03 2.14 4.39
C TYR A 94 -3.42 3.20 3.37
N TYR A 95 -2.42 3.75 2.70
CA TYR A 95 -2.59 4.87 1.77
C TYR A 95 -1.92 4.54 0.45
N CYS A 96 -2.42 5.08 -0.65
CA CYS A 96 -1.73 4.97 -1.91
C CYS A 96 -1.46 6.33 -2.50
N ALA A 97 -0.43 6.43 -3.33
CA ALA A 97 -0.02 7.70 -3.95
C ALA A 97 0.85 7.41 -5.13
N GLU A 98 0.95 8.36 -6.04
CA GLU A 98 1.94 8.27 -7.09
C GLU A 98 3.35 8.35 -6.47
N ALA A 99 4.20 7.44 -6.89
CA ALA A 99 5.57 7.28 -6.35
C ALA A 99 6.51 7.09 -7.52
N ARG A 100 6.77 8.19 -8.27
CA ARG A 100 7.53 8.13 -9.50
C ARG A 100 8.85 7.42 -9.30
N GLY A 101 9.11 6.43 -10.13
CA GLY A 101 10.36 5.69 -10.03
C GLY A 101 10.48 4.71 -8.92
N CYS A 102 9.47 4.67 -8.01
CA CYS A 102 9.58 3.84 -6.83
C CYS A 102 10.91 4.06 -6.11
N LYS A 103 11.30 5.34 -5.98
CA LYS A 103 12.56 5.64 -5.34
C LYS A 103 12.60 5.25 -3.91
N ARG A 104 13.80 4.88 -3.45
CA ARG A 104 14.05 4.63 -2.04
C ARG A 104 14.55 5.90 -1.35
N GLY A 105 14.19 6.04 -0.10
CA GLY A 105 14.62 7.18 0.71
C GLY A 105 13.43 7.76 1.47
N ARG A 106 13.40 9.08 1.65
CA ARG A 106 12.29 9.79 2.29
C ARG A 106 11.85 10.93 1.42
N TYR A 107 10.87 10.76 0.69
CA TYR A 107 10.23 11.80 -0.13
CA TYR A 107 10.37 11.74 -0.23
C TYR A 107 8.95 12.18 0.35
N GLU A 108 8.49 13.29 -0.14
CA GLU A 108 7.09 13.74 0.04
C GLU A 108 6.20 13.21 -1.07
N TYR A 109 4.98 12.81 -0.68
CA TYR A 109 3.97 12.33 -1.60
C TYR A 109 2.69 13.14 -1.43
N ASP A 110 1.86 13.12 -2.47
CA ASP A 110 0.54 13.72 -2.43
C ASP A 110 -0.48 12.62 -2.14
N PHE A 111 -0.97 12.55 -0.90
CA PHE A 111 -1.95 11.56 -0.48
C PHE A 111 -3.34 12.17 -0.62
N TRP A 112 -4.01 11.86 -1.72
CA TRP A 112 -5.32 12.40 -1.99
C TRP A 112 -6.44 11.70 -1.26
N GLY A 113 -6.21 10.50 -0.77
CA GLY A 113 -7.24 9.73 -0.10
C GLY A 113 -7.08 9.77 1.40
N GLN A 114 -8.16 9.45 2.09
CA GLN A 114 -8.16 9.38 3.54
CA GLN A 114 -8.17 9.38 3.55
C GLN A 114 -7.58 8.07 4.07
N GLY A 115 -7.19 7.18 3.16
CA GLY A 115 -6.63 5.89 3.57
C GLY A 115 -7.71 4.87 3.84
N THR A 116 -7.30 3.63 4.11
CA THR A 116 -8.23 2.64 4.52
C THR A 116 -7.66 1.90 5.75
N GLN A 117 -8.46 1.84 6.82
CA GLN A 117 -8.00 1.23 8.08
C GLN A 117 -7.97 -0.27 7.98
N VAL A 118 -6.85 -0.87 8.39
CA VAL A 118 -6.70 -2.30 8.51
C VAL A 118 -6.38 -2.58 9.97
N THR A 119 -7.20 -3.38 10.59
CA THR A 119 -7.00 -3.78 11.98
C THR A 119 -6.87 -5.28 12.04
N VAL A 120 -5.76 -5.77 12.58
CA VAL A 120 -5.53 -7.20 12.67
C VAL A 120 -5.51 -7.53 14.13
N SER A 121 -6.58 -8.18 14.61
CA SER A 121 -6.66 -8.46 16.05
CA SER A 121 -6.82 -8.29 16.05
C SER A 121 -7.51 -9.59 16.32
N SER A 122 -7.10 -10.27 17.40
CA SER A 122 -7.76 -11.48 17.94
C SER A 122 -8.61 -11.12 19.13
N LYS A 123 -9.83 -11.72 19.22
N ASP B 2 -2.98 15.50 1.28
CA ASP B 2 -2.08 15.56 2.40
C ASP B 2 -0.68 15.40 1.86
N ARG B 3 0.12 16.44 1.85
N ARG B 3 0.10 16.48 1.92
CA ARG B 3 1.46 16.38 1.28
CA ARG B 3 1.47 16.49 1.49
C ARG B 3 2.45 16.03 2.43
C ARG B 3 2.28 15.94 2.62
N LYS B 4 2.88 14.79 2.44
CA LYS B 4 3.49 14.16 3.59
C LYS B 4 4.63 13.26 3.19
N ALA B 5 5.71 13.27 3.99
CA ALA B 5 6.82 12.33 3.78
C ALA B 5 6.47 10.92 4.15
N ALA B 6 7.17 9.97 3.54
CA ALA B 6 7.16 8.58 3.99
C ALA B 6 8.53 7.97 3.66
N VAL B 7 8.91 6.99 4.46
CA VAL B 7 10.15 6.27 4.20
C VAL B 7 9.88 5.09 3.27
N SER B 8 10.73 4.94 2.25
CA SER B 8 10.67 3.77 1.36
C SER B 8 11.97 3.04 1.31
N HIS B 9 11.98 1.88 1.94
CA HIS B 9 13.13 0.95 1.94
C HIS B 9 12.78 -0.33 1.22
N TRP B 10 11.87 -0.23 0.25
CA TRP B 10 11.45 -1.37 -0.54
C TRP B 10 12.50 -1.76 -1.56
N GLN B 11 12.50 -3.08 -1.88
CA GLN B 11 13.48 -3.66 -2.78
C GLN B 11 12.79 -4.57 -3.77
#